data_6ACE
#
_entry.id   6ACE
#
_cell.length_a   123.227
_cell.length_b   41.169
_cell.length_c   55.854
_cell.angle_alpha   90.00
_cell.angle_beta   94.69
_cell.angle_gamma   90.00
#
_symmetry.space_group_name_H-M   'C 1 2 1'
#
loop_
_entity.id
_entity.type
_entity.pdbx_description
1 polymer 'NAD-dependent protein deacylase sirtuin-5, mitochondrial'
2 polymer 'succinyl peptide H3K122'
3 non-polymer 'ZINC ION'
4 non-polymer GLYCEROL
5 water water
#
loop_
_entity_poly.entity_id
_entity_poly.type
_entity_poly.pdbx_seq_one_letter_code
_entity_poly.pdbx_strand_id
1 'polypeptide(L)'
;PSSSMADFRKFFAKAKHIVIISGAGVSAESGVPTFRGAGGYWRKWQAQDLATPLAFAHNPSRVWEFYHYRREVMGSKEPN
AGHRAIAECETRLGKQGRRVVVITQNIDELHRKAGTKNLLEIHGSLFKTRCTSCGVVAENYKSPICPALSGKGAPEPGTQ
DASIPVEKLPRCEEAGCGGLLRPHVVWFGENLDPAILEEVDRELAHCDLCLVVGTSSVVYPAAMFAPQVAARGVPVAEFN
TETTPATNRFRFHFQGPCGTTLPEALA
;
A
2 'polypeptide(L)' TIMP(SLL)DIQ B
#
# COMPACT_ATOMS: atom_id res chain seq x y z
N PRO A 1 -14.17 -11.65 -17.71
CA PRO A 1 -13.63 -12.72 -16.86
C PRO A 1 -14.73 -13.47 -16.17
N SER A 2 -14.44 -14.68 -15.67
CA SER A 2 -15.43 -15.45 -14.95
C SER A 2 -15.89 -14.73 -13.69
N SER A 3 -17.09 -15.05 -13.15
CA SER A 3 -17.43 -14.67 -11.75
C SER A 3 -17.89 -15.86 -10.94
N SER A 4 -17.31 -17.02 -11.24
CA SER A 4 -17.70 -18.29 -10.65
C SER A 4 -16.75 -18.65 -9.54
N MET A 5 -17.23 -18.57 -8.30
CA MET A 5 -16.44 -18.93 -7.11
C MET A 5 -16.00 -20.40 -7.01
N ALA A 6 -16.91 -21.30 -7.35
CA ALA A 6 -16.64 -22.74 -7.35
C ALA A 6 -15.40 -23.00 -8.19
N ASP A 7 -15.37 -22.39 -9.38
CA ASP A 7 -14.20 -22.46 -10.25
C ASP A 7 -12.94 -21.77 -9.70
N PHE A 8 -13.08 -20.59 -9.08
CA PHE A 8 -11.90 -20.05 -8.38
C PHE A 8 -11.43 -21.05 -7.31
N ARG A 9 -12.34 -21.54 -6.51
CA ARG A 9 -11.97 -22.39 -5.39
C ARG A 9 -11.31 -23.70 -5.78
N LYS A 10 -11.47 -24.16 -7.03
CA LYS A 10 -10.75 -25.32 -7.54
C LYS A 10 -9.25 -25.04 -7.52
N PHE A 11 -8.86 -24.02 -8.29
CA PHE A 11 -7.45 -23.62 -8.36
C PHE A 11 -6.91 -23.40 -6.92
N PHE A 12 -7.71 -22.73 -6.08
CA PHE A 12 -7.29 -22.39 -4.73
C PHE A 12 -7.10 -23.60 -3.87
N ALA A 13 -7.96 -24.59 -4.04
CA ALA A 13 -7.85 -25.82 -3.29
C ALA A 13 -6.44 -26.37 -3.44
N LYS A 14 -5.89 -26.35 -4.68
CA LYS A 14 -4.58 -26.97 -4.98
C LYS A 14 -3.34 -26.05 -5.07
N ALA A 15 -3.53 -24.74 -5.17
CA ALA A 15 -2.39 -23.80 -5.31
C ALA A 15 -1.31 -23.92 -4.19
N LYS A 16 -0.03 -24.01 -4.59
CA LYS A 16 1.13 -24.07 -3.65
C LYS A 16 1.90 -22.74 -3.42
N HIS A 17 1.70 -21.79 -4.33
CA HIS A 17 2.43 -20.51 -4.24
C HIS A 17 1.44 -19.40 -4.60
N ILE A 18 0.81 -18.89 -3.56
CA ILE A 18 -0.19 -17.86 -3.79
C ILE A 18 0.46 -16.50 -3.62
N VAL A 19 0.20 -15.60 -4.56
CA VAL A 19 0.66 -14.22 -4.46
C VAL A 19 -0.58 -13.40 -4.29
N ILE A 20 -0.67 -12.61 -3.23
CA ILE A 20 -1.83 -11.74 -3.01
C ILE A 20 -1.34 -10.31 -3.07
N ILE A 21 -1.82 -9.61 -4.06
CA ILE A 21 -1.41 -8.25 -4.29
C ILE A 21 -2.54 -7.38 -3.77
N SER A 22 -2.24 -6.41 -2.85
CA SER A 22 -3.32 -5.55 -2.33
C SER A 22 -3.14 -4.08 -2.59
N GLY A 23 -4.28 -3.37 -2.74
CA GLY A 23 -4.27 -1.91 -2.93
C GLY A 23 -5.21 -1.20 -1.99
N ALA A 24 -5.52 0.06 -2.31
CA ALA A 24 -6.11 0.94 -1.33
C ALA A 24 -7.55 0.57 -0.93
N GLY A 25 -8.27 -0.17 -1.78
CA GLY A 25 -9.60 -0.67 -1.46
C GLY A 25 -9.59 -1.37 -0.11
N VAL A 26 -8.58 -2.23 0.10
CA VAL A 26 -8.49 -3.01 1.30
C VAL A 26 -8.37 -2.10 2.53
N SER A 27 -7.57 -1.06 2.46
CA SER A 27 -7.44 -0.03 3.53
C SER A 27 -8.72 0.84 3.67
N ALA A 28 -9.31 1.24 2.55
CA ALA A 28 -10.58 1.99 2.60
C ALA A 28 -11.65 1.24 3.43
N GLU A 29 -11.71 -0.08 3.31
CA GLU A 29 -12.68 -0.92 4.06
C GLU A 29 -12.47 -0.93 5.55
N SER A 30 -11.28 -0.48 6.03
CA SER A 30 -10.99 -0.23 7.45
C SER A 30 -11.25 1.19 7.88
N GLY A 31 -11.72 2.03 6.97
CA GLY A 31 -11.90 3.46 7.27
C GLY A 31 -10.69 4.33 7.10
N VAL A 32 -9.67 3.85 6.35
CA VAL A 32 -8.43 4.59 6.17
C VAL A 32 -8.67 5.48 4.97
N PRO A 33 -8.48 6.79 5.11
CA PRO A 33 -8.62 7.64 3.94
C PRO A 33 -7.49 7.35 2.97
N THR A 34 -7.82 6.98 1.79
CA THR A 34 -6.85 6.82 0.79
C THR A 34 -7.29 7.94 -0.07
N PHE A 35 -6.39 8.77 -0.53
CA PHE A 35 -6.77 10.03 -1.17
C PHE A 35 -6.62 9.89 -2.67
N ARG A 36 -7.42 8.96 -3.21
CA ARG A 36 -7.39 8.47 -4.60
C ARG A 36 -8.33 9.18 -5.55
N GLY A 37 -9.49 9.57 -5.05
CA GLY A 37 -10.52 10.15 -5.90
C GLY A 37 -11.60 9.13 -6.07
N ALA A 38 -12.69 9.51 -6.74
CA ALA A 38 -12.95 10.89 -7.19
C ALA A 38 -13.33 11.88 -6.07
N GLY A 39 -13.35 11.39 -4.82
CA GLY A 39 -13.55 12.22 -3.65
C GLY A 39 -12.63 11.86 -2.49
N GLY A 40 -11.35 11.63 -2.79
CA GLY A 40 -10.33 11.33 -1.78
C GLY A 40 -9.40 12.51 -1.68
N TYR A 41 -9.80 13.52 -0.89
CA TYR A 41 -9.03 14.80 -0.79
C TYR A 41 -8.53 15.08 0.62
N TRP A 42 -7.37 15.74 0.70
CA TRP A 42 -6.85 16.31 1.92
C TRP A 42 -6.67 17.79 1.64
N ARG A 43 -7.40 18.63 2.38
CA ARG A 43 -7.66 20.04 1.99
C ARG A 43 -8.07 20.00 0.53
N LYS A 44 -7.41 20.75 -0.33
CA LYS A 44 -7.71 20.78 -1.75
C LYS A 44 -6.87 19.84 -2.65
N TRP A 45 -6.21 18.84 -2.08
CA TRP A 45 -5.27 18.02 -2.86
C TRP A 45 -5.53 16.55 -2.67
N GLN A 46 -4.95 15.75 -3.58
CA GLN A 46 -4.97 14.30 -3.48
C GLN A 46 -3.57 13.78 -3.39
N ALA A 47 -3.42 12.47 -3.23
CA ALA A 47 -2.06 11.90 -3.11
C ALA A 47 -1.15 12.33 -4.24
N GLN A 48 -1.63 12.31 -5.47
CA GLN A 48 -0.72 12.56 -6.58
C GLN A 48 -0.25 13.98 -6.62
N ASP A 49 -0.93 14.87 -5.91
CA ASP A 49 -0.43 16.21 -5.72
C ASP A 49 0.68 16.32 -4.66
N LEU A 50 0.51 15.71 -3.52
CA LEU A 50 1.43 15.96 -2.43
C LEU A 50 2.53 14.88 -2.28
N ALA A 51 2.26 13.68 -2.76
CA ALA A 51 3.20 12.59 -2.71
C ALA A 51 4.16 12.64 -3.90
N THR A 52 4.97 13.70 -3.96
CA THR A 52 5.87 13.97 -5.08
C THR A 52 7.10 14.68 -4.57
N PRO A 53 8.27 14.41 -5.17
CA PRO A 53 9.49 15.09 -4.66
C PRO A 53 9.48 16.60 -4.86
N LEU A 54 8.79 17.04 -5.91
CA LEU A 54 8.50 18.47 -6.14
C LEU A 54 7.68 19.05 -5.00
N ALA A 55 6.55 18.43 -4.66
CA ALA A 55 5.73 18.96 -3.53
C ALA A 55 6.59 19.12 -2.27
N PHE A 56 7.43 18.10 -1.99
CA PHE A 56 8.24 18.08 -0.76
C PHE A 56 9.32 19.11 -0.79
N ALA A 57 9.97 19.27 -1.96
CA ALA A 57 10.99 20.30 -2.17
C ALA A 57 10.44 21.70 -1.97
N HIS A 58 9.27 22.00 -2.52
CA HIS A 58 8.71 23.35 -2.45
C HIS A 58 7.95 23.65 -1.15
N ASN A 59 7.40 22.63 -0.49
CA ASN A 59 6.62 22.86 0.71
C ASN A 59 6.72 21.69 1.63
N PRO A 60 7.93 21.49 2.16
CA PRO A 60 8.12 20.36 3.06
C PRO A 60 7.15 20.36 4.25
N SER A 61 6.77 21.55 4.74
CA SER A 61 5.79 21.69 5.87
C SER A 61 4.42 21.13 5.53
N ARG A 62 3.94 21.43 4.33
CA ARG A 62 2.63 20.92 3.90
C ARG A 62 2.56 19.40 3.66
N VAL A 63 3.60 18.85 3.02
CA VAL A 63 3.73 17.39 2.87
C VAL A 63 3.81 16.70 4.22
N TRP A 64 4.60 17.24 5.15
CA TRP A 64 4.65 16.71 6.50
C TRP A 64 3.31 16.79 7.23
N GLU A 65 2.57 17.91 7.03
CA GLU A 65 1.18 18.03 7.57
C GLU A 65 0.32 16.89 7.09
N PHE A 66 0.38 16.64 5.78
CA PHE A 66 -0.37 15.57 5.14
C PHE A 66 -0.03 14.17 5.71
N TYR A 67 1.27 13.82 5.75
CA TYR A 67 1.62 12.51 6.30
C TYR A 67 1.40 12.46 7.81
N HIS A 68 1.65 13.55 8.51
CA HIS A 68 1.24 13.62 9.94
C HIS A 68 -0.22 13.28 10.17
N TYR A 69 -1.13 13.96 9.44
CA TYR A 69 -2.58 13.60 9.47
C TYR A 69 -2.73 12.11 9.33
N ARG A 70 -2.09 11.56 8.30
CA ARG A 70 -2.30 10.16 7.98
C ARG A 70 -1.75 9.19 9.01
N ARG A 71 -0.63 9.57 9.64
CA ARG A 71 -0.11 8.80 10.73
C ARG A 71 -1.17 8.84 11.90
N GLU A 72 -1.69 10.01 12.22
CA GLU A 72 -2.46 10.12 13.50
C GLU A 72 -3.76 9.38 13.44
N VAL A 73 -4.46 9.63 12.36
CA VAL A 73 -5.67 8.94 11.99
C VAL A 73 -5.60 7.43 12.16
N MET A 74 -4.42 6.81 12.01
CA MET A 74 -4.29 5.33 12.20
C MET A 74 -4.52 4.79 13.61
N GLY A 75 -4.44 5.65 14.61
CA GLY A 75 -4.69 5.23 15.97
C GLY A 75 -5.98 4.47 16.22
N SER A 76 -7.02 4.83 15.49
CA SER A 76 -8.33 4.26 15.66
C SER A 76 -8.69 3.25 14.57
N LYS A 77 -7.77 2.89 13.66
CA LYS A 77 -8.15 2.02 12.57
C LYS A 77 -7.62 0.66 12.91
N GLU A 78 -8.38 -0.35 12.53
CA GLU A 78 -8.07 -1.73 12.75
C GLU A 78 -8.13 -2.44 11.42
N PRO A 79 -7.49 -3.62 11.30
CA PRO A 79 -7.63 -4.39 10.10
C PRO A 79 -9.00 -4.96 10.01
N ASN A 80 -9.42 -5.32 8.82
CA ASN A 80 -10.79 -5.68 8.56
C ASN A 80 -10.80 -7.14 8.20
N ALA A 81 -11.98 -7.68 8.00
CA ALA A 81 -12.18 -9.07 7.71
C ALA A 81 -11.31 -9.62 6.55
N GLY A 82 -11.08 -8.79 5.55
CA GLY A 82 -10.17 -9.09 4.42
C GLY A 82 -8.70 -9.24 4.83
N HIS A 83 -8.20 -8.28 5.60
CA HIS A 83 -6.89 -8.40 6.23
C HIS A 83 -6.74 -9.67 7.04
N ARG A 84 -7.75 -9.95 7.88
CA ARG A 84 -7.68 -11.14 8.77
C ARG A 84 -7.69 -12.45 8.01
N ALA A 85 -8.53 -12.53 6.99
CA ALA A 85 -8.63 -13.68 6.14
C ALA A 85 -7.31 -13.94 5.41
N ILE A 86 -6.63 -12.87 5.02
CA ILE A 86 -5.33 -13.01 4.33
C ILE A 86 -4.28 -13.50 5.28
N ALA A 87 -4.26 -12.90 6.45
CA ALA A 87 -3.34 -13.31 7.48
C ALA A 87 -3.55 -14.74 7.97
N GLU A 88 -4.81 -15.18 8.12
CA GLU A 88 -5.09 -16.53 8.68
C GLU A 88 -4.78 -17.50 7.57
N CYS A 89 -5.17 -17.15 6.35
CA CYS A 89 -4.83 -17.95 5.18
C CYS A 89 -3.35 -18.29 5.11
N GLU A 90 -2.51 -17.29 5.30
CA GLU A 90 -1.08 -17.50 5.30
C GLU A 90 -0.70 -18.49 6.38
N THR A 91 -1.10 -18.17 7.61
CA THR A 91 -0.85 -19.04 8.78
C THR A 91 -1.26 -20.48 8.48
N ARG A 92 -2.50 -20.66 7.99
CA ARG A 92 -3.01 -22.00 7.71
C ARG A 92 -2.20 -22.71 6.61
N LEU A 93 -2.31 -22.24 5.36
CA LEU A 93 -1.50 -22.79 4.25
C LEU A 93 -0.04 -22.96 4.56
N GLY A 94 0.51 -22.12 5.41
CA GLY A 94 1.87 -22.30 5.91
C GLY A 94 2.06 -23.72 6.43
N LYS A 95 1.26 -24.08 7.43
CA LYS A 95 1.34 -25.42 8.07
C LYS A 95 1.41 -26.52 7.02
N GLN A 96 0.60 -26.39 5.97
CA GLN A 96 0.50 -27.38 4.92
C GLN A 96 1.65 -27.33 3.89
N GLY A 97 2.75 -26.64 4.21
CA GLY A 97 3.87 -26.45 3.28
C GLY A 97 3.56 -25.61 2.06
N ARG A 98 2.58 -24.71 2.18
CA ARG A 98 2.12 -23.91 1.04
C ARG A 98 2.38 -22.43 1.30
N ARG A 99 2.76 -21.71 0.23
CA ARG A 99 3.25 -20.32 0.37
C ARG A 99 2.20 -19.29 0.07
N VAL A 100 2.09 -18.34 1.00
CA VAL A 100 1.29 -17.15 0.79
C VAL A 100 2.15 -15.91 1.00
N VAL A 101 2.21 -15.06 -0.02
CA VAL A 101 2.94 -13.78 0.06
C VAL A 101 2.03 -12.64 -0.23
N VAL A 102 2.16 -11.60 0.58
CA VAL A 102 1.37 -10.39 0.34
C VAL A 102 2.25 -9.32 -0.26
N ILE A 103 1.81 -8.78 -1.38
CA ILE A 103 2.52 -7.64 -1.99
C ILE A 103 1.61 -6.47 -1.95
N THR A 104 1.90 -5.54 -1.04
CA THR A 104 1.01 -4.39 -0.86
C THR A 104 1.52 -3.05 -1.37
N GLN A 105 0.59 -2.34 -1.99
CA GLN A 105 0.75 -0.98 -2.41
C GLN A 105 0.51 -0.02 -1.25
N ASN A 106 -0.11 -0.52 -0.18
CA ASN A 106 -0.52 0.34 0.96
C ASN A 106 0.63 0.63 1.94
N ILE A 107 0.58 1.78 2.56
CA ILE A 107 1.66 2.22 3.40
C ILE A 107 1.22 2.28 4.87
N ASP A 108 0.05 1.75 5.16
CA ASP A 108 -0.56 1.89 6.50
C ASP A 108 -0.31 0.76 7.49
N GLU A 109 0.36 -0.31 7.08
CA GLU A 109 0.76 -1.37 7.96
C GLU A 109 -0.40 -2.21 8.53
N LEU A 110 -1.59 -2.04 8.01
CA LEU A 110 -2.70 -2.85 8.50
C LEU A 110 -2.47 -4.36 8.26
N HIS A 111 -1.84 -4.73 7.17
CA HIS A 111 -1.55 -6.15 6.96
C HIS A 111 -0.66 -6.70 8.09
N ARG A 112 0.29 -5.90 8.56
CA ARG A 112 1.19 -6.33 9.61
C ARG A 112 0.40 -6.46 10.88
N LYS A 113 -0.40 -5.44 11.16
CA LYS A 113 -1.22 -5.42 12.34
C LYS A 113 -2.18 -6.59 12.42
N ALA A 114 -2.64 -7.06 11.27
CA ALA A 114 -3.46 -8.23 11.21
C ALA A 114 -2.72 -9.54 11.45
N GLY A 115 -1.39 -9.55 11.37
CA GLY A 115 -0.62 -10.79 11.53
C GLY A 115 0.08 -11.31 10.29
N THR A 116 0.01 -10.57 9.17
CA THR A 116 0.68 -11.00 7.94
C THR A 116 2.17 -10.97 8.14
N LYS A 117 2.84 -12.06 7.73
CA LYS A 117 4.28 -12.20 7.89
C LYS A 117 5.06 -11.94 6.61
N ASN A 118 4.69 -12.62 5.53
CA ASN A 118 5.36 -12.52 4.26
C ASN A 118 4.73 -11.31 3.57
N LEU A 119 5.30 -10.16 3.83
CA LEU A 119 4.77 -8.88 3.40
C LEU A 119 5.79 -8.07 2.65
N LEU A 120 5.50 -7.73 1.41
CA LEU A 120 6.34 -6.77 0.69
C LEU A 120 5.59 -5.44 0.57
N GLU A 121 6.07 -4.42 1.27
CA GLU A 121 5.50 -3.09 1.22
C GLU A 121 6.20 -2.24 0.17
N ILE A 122 5.69 -2.33 -1.06
CA ILE A 122 6.44 -1.85 -2.21
C ILE A 122 6.48 -0.35 -2.28
N HIS A 123 5.60 0.33 -1.57
CA HIS A 123 5.71 1.74 -1.53
C HIS A 123 6.14 2.30 -0.15
N GLY A 124 6.76 1.50 0.71
CA GLY A 124 7.15 2.00 2.00
C GLY A 124 6.08 2.03 3.03
N SER A 125 6.32 2.88 4.03
CA SER A 125 5.48 2.98 5.23
C SER A 125 5.33 4.38 5.79
N LEU A 126 4.12 4.68 6.25
CA LEU A 126 3.77 5.90 6.98
C LEU A 126 4.56 5.99 8.26
N PHE A 127 4.92 4.84 8.83
CA PHE A 127 5.66 4.79 10.10
C PHE A 127 7.13 4.46 9.92
N LYS A 128 7.72 4.96 8.82
CA LYS A 128 9.11 4.94 8.67
C LYS A 128 9.53 6.27 8.14
N THR A 129 10.74 6.71 8.54
CA THR A 129 11.36 7.92 8.04
C THR A 129 12.67 7.57 7.35
N ARG A 130 13.05 8.38 6.39
CA ARG A 130 14.35 8.37 5.86
C ARG A 130 15.00 9.75 5.99
N CYS A 131 16.24 9.79 6.45
CA CYS A 131 16.98 11.08 6.43
C CYS A 131 17.46 11.47 5.05
N THR A 132 17.06 12.67 4.60
CA THR A 132 17.49 13.20 3.33
C THR A 132 19.00 13.59 3.31
N SER A 133 19.69 13.59 4.43
CA SER A 133 21.16 13.88 4.49
C SER A 133 22.00 12.60 4.53
N CYS A 134 21.73 11.73 5.49
CA CYS A 134 22.51 10.50 5.65
C CYS A 134 21.88 9.24 5.09
N GLY A 135 20.59 9.26 4.71
CA GLY A 135 19.90 8.07 4.21
C GLY A 135 19.46 7.00 5.20
N VAL A 136 19.65 7.19 6.48
CA VAL A 136 19.20 6.17 7.41
C VAL A 136 17.65 6.09 7.43
N VAL A 137 17.16 4.85 7.43
CA VAL A 137 15.75 4.54 7.49
C VAL A 137 15.45 4.12 8.91
N ALA A 138 14.43 4.70 9.54
CA ALA A 138 14.11 4.33 10.92
C ALA A 138 12.60 4.16 11.04
N GLU A 139 12.18 3.22 11.90
CA GLU A 139 10.75 3.10 12.31
C GLU A 139 10.43 4.30 13.17
N ASN A 140 9.23 4.80 13.08
CA ASN A 140 8.80 5.92 13.82
C ASN A 140 7.32 5.85 13.95
N TYR A 141 6.90 5.47 15.16
CA TYR A 141 5.52 5.50 15.55
C TYR A 141 5.09 6.67 16.42
N LYS A 142 6.00 7.61 16.68
CA LYS A 142 5.77 8.69 17.62
C LYS A 142 4.55 9.58 17.32
N SER A 143 3.71 9.78 18.32
CA SER A 143 2.56 10.65 18.15
C SER A 143 2.70 11.86 19.10
N PRO A 144 3.00 13.09 18.60
CA PRO A 144 3.19 13.52 17.21
C PRO A 144 4.60 13.25 16.80
N ILE A 145 4.87 13.20 15.50
CA ILE A 145 6.23 12.84 15.09
C ILE A 145 7.19 13.89 15.56
N CYS A 146 6.75 15.16 15.56
CA CYS A 146 7.55 16.24 16.18
C CYS A 146 6.60 17.25 16.81
N PRO A 147 7.10 18.01 17.81
CA PRO A 147 6.34 19.00 18.59
C PRO A 147 5.61 20.03 17.75
N ALA A 148 6.30 20.60 16.77
CA ALA A 148 5.71 21.61 15.88
C ALA A 148 4.49 21.13 15.06
N LEU A 149 4.36 19.82 14.87
CA LEU A 149 3.21 19.21 14.23
C LEU A 149 2.10 18.87 15.20
N SER A 150 2.31 19.06 16.50
CA SER A 150 1.19 18.86 17.43
C SER A 150 0.01 19.73 17.05
N GLY A 151 -1.14 19.14 16.87
CA GLY A 151 -2.34 19.91 16.53
C GLY A 151 -2.45 20.33 15.07
N LYS A 152 -1.55 19.85 14.20
CA LYS A 152 -1.53 20.27 12.80
C LYS A 152 -2.10 19.19 11.92
N GLY A 153 -2.16 19.42 10.62
CA GLY A 153 -2.53 18.34 9.68
C GLY A 153 -4.02 18.19 9.46
N ALA A 154 -4.79 19.18 9.92
CA ALA A 154 -6.27 19.16 9.80
C ALA A 154 -6.61 19.14 8.32
N PRO A 155 -7.45 18.19 7.90
CA PRO A 155 -7.83 17.94 6.49
C PRO A 155 -8.83 18.91 5.88
N GLU A 156 -9.56 19.67 6.69
CA GLU A 156 -10.55 20.62 6.17
C GLU A 156 -9.88 21.62 5.26
N PRO A 157 -10.44 21.84 4.07
CA PRO A 157 -9.96 22.97 3.27
C PRO A 157 -10.34 24.29 3.93
N GLY A 158 -9.66 25.34 3.51
CA GLY A 158 -9.68 26.57 4.27
C GLY A 158 -8.61 26.55 5.34
N THR A 159 -8.21 25.36 5.84
CA THR A 159 -7.17 25.22 6.86
C THR A 159 -5.86 25.86 6.46
N GLN A 160 -5.32 26.67 7.37
CA GLN A 160 -4.10 27.41 7.13
C GLN A 160 -2.83 26.51 7.13
N ASP A 161 -1.90 26.77 6.22
CA ASP A 161 -0.58 26.13 6.22
C ASP A 161 0.05 26.42 7.56
N ALA A 162 0.54 25.39 8.23
CA ALA A 162 1.28 25.56 9.45
C ALA A 162 2.52 26.33 9.21
N SER A 163 3.19 26.12 8.06
CA SER A 163 4.44 26.81 7.72
C SER A 163 5.50 26.64 8.80
N ILE A 164 5.70 25.40 9.24
CA ILE A 164 6.74 25.11 10.24
C ILE A 164 8.01 25.38 9.50
N PRO A 165 8.96 26.08 10.11
CA PRO A 165 10.23 26.11 9.37
C PRO A 165 10.94 24.76 9.40
N VAL A 166 11.72 24.51 8.37
CA VAL A 166 12.34 23.22 8.17
C VAL A 166 13.17 22.70 9.38
N GLU A 167 13.86 23.59 10.07
CA GLU A 167 14.51 23.30 11.35
C GLU A 167 13.58 22.64 12.37
N LYS A 168 12.27 22.92 12.33
CA LYS A 168 11.31 22.36 13.28
C LYS A 168 10.46 21.24 12.71
N LEU A 169 10.73 20.84 11.47
CA LEU A 169 10.14 19.63 10.96
C LEU A 169 10.94 18.43 11.52
N PRO A 170 10.46 17.20 11.27
CA PRO A 170 11.19 16.04 11.83
C PRO A 170 12.66 16.00 11.37
N ARG A 171 13.59 15.91 12.32
CA ARG A 171 15.02 15.95 12.03
C ARG A 171 15.69 14.67 12.44
N CYS A 172 16.73 14.33 11.70
CA CYS A 172 17.47 13.17 11.99
C CYS A 172 18.10 13.26 13.40
N GLU A 173 18.01 12.19 14.17
CA GLU A 173 18.64 12.13 15.52
C GLU A 173 19.97 11.32 15.58
N GLU A 174 20.53 11.00 14.43
CA GLU A 174 21.84 10.37 14.37
C GLU A 174 22.85 11.46 14.77
N ALA A 175 23.73 11.12 15.70
CA ALA A 175 24.65 12.10 16.24
C ALA A 175 25.33 12.92 15.10
N GLY A 176 25.14 14.24 15.13
CA GLY A 176 25.83 15.13 14.17
C GLY A 176 25.29 15.10 12.77
N CYS A 177 24.19 14.38 12.53
CA CYS A 177 23.56 14.52 11.23
C CYS A 177 22.71 15.81 11.20
N GLY A 178 21.62 15.86 11.96
CA GLY A 178 20.70 17.01 11.95
C GLY A 178 19.79 17.14 10.73
N GLY A 179 19.86 16.19 9.77
CA GLY A 179 19.20 16.32 8.48
C GLY A 179 17.68 16.38 8.55
N LEU A 180 17.09 16.86 7.50
CA LEU A 180 15.60 16.90 7.46
C LEU A 180 15.08 15.52 7.12
N LEU A 181 14.09 15.04 7.89
CA LEU A 181 13.53 13.72 7.58
C LEU A 181 12.40 13.83 6.55
N ARG A 182 12.21 12.78 5.77
CA ARG A 182 11.01 12.63 4.97
C ARG A 182 10.34 11.34 5.30
N PRO A 183 9.06 11.19 4.91
CA PRO A 183 8.47 9.88 4.98
C PRO A 183 9.20 8.88 4.08
N HIS A 184 9.38 7.66 4.59
CA HIS A 184 9.99 6.56 3.83
C HIS A 184 8.88 5.92 2.99
N VAL A 185 8.38 6.74 2.03
CA VAL A 185 7.25 6.41 1.17
C VAL A 185 7.72 6.69 -0.28
N VAL A 186 7.39 5.80 -1.20
CA VAL A 186 7.74 5.96 -2.62
C VAL A 186 6.73 6.94 -3.20
N TRP A 187 7.24 8.07 -3.65
CA TRP A 187 6.40 9.10 -4.23
C TRP A 187 6.31 8.93 -5.75
N PHE A 188 5.29 9.57 -6.27
CA PHE A 188 5.13 9.62 -7.72
C PHE A 188 6.35 10.25 -8.33
N GLY A 189 6.90 9.67 -9.39
CA GLY A 189 8.12 10.19 -9.97
C GLY A 189 9.39 9.55 -9.35
N GLU A 190 9.23 8.70 -8.34
CA GLU A 190 10.38 7.99 -7.76
C GLU A 190 10.36 6.50 -8.04
N ASN A 191 11.55 5.91 -8.00
CA ASN A 191 11.69 4.49 -8.18
C ASN A 191 11.36 3.66 -6.95
N LEU A 192 10.72 2.54 -7.19
CA LEU A 192 10.63 1.53 -6.15
C LEU A 192 12.02 1.00 -5.79
N ASP A 193 12.21 0.56 -4.58
CA ASP A 193 13.50 -0.07 -4.23
C ASP A 193 13.79 -1.27 -5.15
N PRO A 194 14.93 -1.27 -5.88
CA PRO A 194 15.24 -2.42 -6.73
C PRO A 194 15.37 -3.75 -5.98
N ALA A 195 15.83 -3.75 -4.76
CA ALA A 195 15.85 -5.00 -3.96
C ALA A 195 14.41 -5.52 -3.71
N ILE A 196 13.51 -4.63 -3.38
CA ILE A 196 12.08 -5.02 -3.29
C ILE A 196 11.52 -5.51 -4.62
N LEU A 197 11.84 -4.82 -5.71
CA LEU A 197 11.39 -5.26 -7.02
C LEU A 197 11.87 -6.66 -7.44
N GLU A 198 13.08 -7.00 -7.11
CA GLU A 198 13.66 -8.32 -7.40
C GLU A 198 12.95 -9.41 -6.63
N GLU A 199 12.64 -9.14 -5.37
CA GLU A 199 11.75 -10.02 -4.59
C GLU A 199 10.41 -10.25 -5.22
N VAL A 200 9.78 -9.15 -5.62
CA VAL A 200 8.50 -9.22 -6.24
C VAL A 200 8.62 -10.07 -7.50
N ASP A 201 9.63 -9.80 -8.32
CA ASP A 201 9.92 -10.64 -9.49
C ASP A 201 9.98 -12.13 -9.22
N ARG A 202 10.77 -12.51 -8.24
CA ARG A 202 10.89 -13.90 -7.79
C ARG A 202 9.53 -14.51 -7.41
N GLU A 203 8.71 -13.71 -6.73
CA GLU A 203 7.42 -14.21 -6.26
C GLU A 203 6.44 -14.43 -7.39
N LEU A 204 6.35 -13.46 -8.31
CA LEU A 204 5.51 -13.52 -9.48
C LEU A 204 5.92 -14.62 -10.46
N ALA A 205 7.23 -14.77 -10.67
CA ALA A 205 7.77 -15.83 -11.50
C ALA A 205 7.35 -17.21 -11.00
N HIS A 206 7.38 -17.43 -9.69
CA HIS A 206 7.16 -18.76 -9.10
C HIS A 206 5.75 -19.02 -8.55
N CYS A 207 4.77 -18.18 -8.87
CA CYS A 207 3.43 -18.35 -8.29
C CYS A 207 2.54 -19.22 -9.20
N ASP A 208 1.67 -20.02 -8.59
CA ASP A 208 0.67 -20.78 -9.35
C ASP A 208 -0.73 -20.19 -9.22
N LEU A 209 -0.89 -19.21 -8.32
CA LEU A 209 -2.18 -18.59 -8.10
C LEU A 209 -2.05 -17.13 -7.72
N CYS A 210 -2.82 -16.24 -8.32
CA CYS A 210 -2.68 -14.84 -7.97
C CYS A 210 -3.99 -14.11 -7.71
N LEU A 211 -4.02 -13.36 -6.61
CA LEU A 211 -5.18 -12.51 -6.24
C LEU A 211 -4.79 -11.05 -6.28
N VAL A 212 -5.67 -10.22 -6.82
CA VAL A 212 -5.47 -8.82 -6.89
C VAL A 212 -6.72 -8.14 -6.33
N VAL A 213 -6.50 -7.62 -5.12
CA VAL A 213 -7.56 -7.34 -4.16
C VAL A 213 -7.59 -5.87 -3.95
N GLY A 214 -8.73 -5.23 -4.23
CA GLY A 214 -8.90 -3.80 -3.97
C GLY A 214 -7.86 -2.87 -4.57
N THR A 215 -7.39 -3.18 -5.76
CA THR A 215 -6.51 -2.28 -6.51
C THR A 215 -7.29 -1.72 -7.69
N SER A 216 -7.16 -0.44 -7.99
CA SER A 216 -7.78 0.09 -9.17
C SER A 216 -6.88 -0.06 -10.42
N SER A 217 -5.79 -0.80 -10.28
CA SER A 217 -4.75 -0.96 -11.30
C SER A 217 -4.56 0.26 -12.20
N VAL A 218 -4.35 1.44 -11.62
CA VAL A 218 -3.84 2.60 -12.37
C VAL A 218 -2.46 3.08 -11.86
N VAL A 219 -1.97 2.49 -10.76
CA VAL A 219 -0.67 2.85 -10.21
C VAL A 219 0.36 1.88 -10.76
N TYR A 220 1.34 2.44 -11.45
CA TYR A 220 2.43 1.66 -12.05
C TYR A 220 3.71 1.85 -11.26
N PRO A 221 4.60 0.85 -11.28
CA PRO A 221 4.48 -0.46 -11.97
C PRO A 221 3.65 -1.51 -11.27
N ALA A 222 3.14 -1.25 -10.07
CA ALA A 222 2.36 -2.29 -9.42
C ALA A 222 1.24 -2.86 -10.31
N ALA A 223 0.60 -1.98 -11.10
CA ALA A 223 -0.51 -2.40 -12.00
C ALA A 223 -0.11 -3.54 -13.01
N MET A 224 1.17 -3.65 -13.36
CA MET A 224 1.71 -4.66 -14.29
C MET A 224 1.96 -5.98 -13.63
N PHE A 225 1.96 -6.02 -12.31
CA PHE A 225 2.34 -7.22 -11.60
C PHE A 225 1.38 -8.37 -11.91
N ALA A 226 0.09 -8.14 -11.76
CA ALA A 226 -0.87 -9.22 -11.95
C ALA A 226 -0.98 -9.65 -13.43
N PRO A 227 -1.04 -8.69 -14.36
CA PRO A 227 -1.10 -9.02 -15.79
C PRO A 227 0.05 -9.87 -16.28
N GLN A 228 1.22 -9.62 -15.73
CA GLN A 228 2.39 -10.44 -15.91
C GLN A 228 2.15 -11.87 -15.45
N VAL A 229 1.52 -12.06 -14.29
CA VAL A 229 1.21 -13.42 -13.83
C VAL A 229 0.16 -14.11 -14.75
N ALA A 230 -0.85 -13.38 -15.19
CA ALA A 230 -1.82 -13.92 -16.14
C ALA A 230 -1.18 -14.23 -17.53
N ALA A 231 -0.09 -13.55 -17.88
CA ALA A 231 0.62 -13.77 -19.15
C ALA A 231 1.45 -15.08 -19.24
N ARG A 232 1.83 -15.69 -18.13
CA ARG A 232 2.28 -17.12 -18.12
C ARG A 232 1.13 -18.12 -17.96
N GLY A 233 -0.10 -17.65 -18.14
CA GLY A 233 -1.26 -18.52 -18.09
C GLY A 233 -1.82 -18.76 -16.72
N VAL A 234 -1.25 -18.13 -15.69
CA VAL A 234 -1.60 -18.46 -14.31
C VAL A 234 -2.87 -17.68 -13.97
N PRO A 235 -3.83 -18.35 -13.31
CA PRO A 235 -5.08 -17.61 -13.11
C PRO A 235 -4.92 -16.45 -12.11
N VAL A 236 -5.41 -15.28 -12.48
CA VAL A 236 -5.46 -14.15 -11.59
C VAL A 236 -6.93 -13.97 -11.25
N ALA A 237 -7.23 -13.86 -9.94
CA ALA A 237 -8.56 -13.44 -9.42
C ALA A 237 -8.58 -12.00 -8.92
N GLU A 238 -9.22 -11.10 -9.67
CA GLU A 238 -9.47 -9.71 -9.22
C GLU A 238 -10.66 -9.61 -8.26
N PHE A 239 -10.39 -9.20 -7.00
CA PHE A 239 -11.42 -8.91 -5.99
C PHE A 239 -11.54 -7.40 -5.86
N ASN A 240 -12.63 -6.84 -6.33
CA ASN A 240 -12.80 -5.40 -6.33
C ASN A 240 -14.25 -4.96 -6.38
N THR A 241 -14.57 -3.88 -5.67
CA THR A 241 -15.91 -3.26 -5.78
C THR A 241 -16.28 -2.80 -7.21
N GLU A 242 -15.28 -2.43 -8.03
CA GLU A 242 -15.47 -1.94 -9.42
C GLU A 242 -14.72 -2.83 -10.42
N THR A 243 -14.91 -2.60 -11.72
CA THR A 243 -13.97 -3.13 -12.77
C THR A 243 -12.86 -2.10 -13.06
N THR A 244 -11.75 -2.60 -13.57
CA THR A 244 -10.55 -1.75 -13.82
C THR A 244 -10.05 -1.89 -15.26
N PRO A 245 -9.10 -1.02 -15.69
CA PRO A 245 -8.38 -1.24 -16.96
C PRO A 245 -7.68 -2.59 -17.08
N ALA A 246 -7.54 -3.33 -15.98
CA ALA A 246 -6.84 -4.62 -16.02
C ALA A 246 -7.77 -5.80 -15.99
N THR A 247 -9.06 -5.57 -15.83
CA THR A 247 -10.00 -6.62 -15.44
C THR A 247 -10.05 -7.78 -16.44
N ASN A 248 -10.21 -7.40 -17.72
CA ASN A 248 -10.40 -8.38 -18.81
C ASN A 248 -9.12 -9.13 -19.18
N ARG A 249 -8.01 -8.78 -18.54
CA ARG A 249 -6.81 -9.57 -18.68
C ARG A 249 -6.75 -10.71 -17.67
N PHE A 250 -7.70 -10.79 -16.74
CA PHE A 250 -7.64 -11.80 -15.66
C PHE A 250 -8.62 -12.96 -15.84
N ARG A 251 -8.43 -14.01 -15.04
CA ARG A 251 -9.27 -15.19 -15.09
C ARG A 251 -10.66 -14.99 -14.43
N PHE A 252 -10.64 -14.39 -13.23
CA PHE A 252 -11.85 -14.15 -12.42
C PHE A 252 -12.01 -12.69 -12.06
N HIS A 253 -13.23 -12.33 -11.72
CA HIS A 253 -13.54 -11.04 -11.16
C HIS A 253 -14.69 -11.14 -10.20
N PHE A 254 -14.37 -11.13 -8.90
CA PHE A 254 -15.36 -11.14 -7.83
C PHE A 254 -15.70 -9.74 -7.31
N GLN A 255 -16.96 -9.37 -7.47
CA GLN A 255 -17.45 -8.07 -7.07
C GLN A 255 -17.62 -8.02 -5.56
N GLY A 256 -17.59 -6.80 -5.04
CA GLY A 256 -17.92 -6.53 -3.63
C GLY A 256 -16.72 -6.25 -2.72
N PRO A 257 -16.99 -5.80 -1.48
CA PRO A 257 -15.91 -5.56 -0.52
C PRO A 257 -15.09 -6.82 -0.38
N CYS A 258 -13.76 -6.65 -0.34
CA CYS A 258 -12.87 -7.76 -0.13
C CYS A 258 -13.17 -8.40 1.22
N GLY A 259 -13.63 -7.60 2.19
CA GLY A 259 -14.04 -8.11 3.49
C GLY A 259 -15.14 -9.17 3.44
N THR A 260 -15.96 -9.14 2.41
CA THR A 260 -17.07 -10.08 2.22
C THR A 260 -16.68 -11.33 1.43
N THR A 261 -15.97 -11.11 0.34
CA THR A 261 -15.63 -12.17 -0.58
C THR A 261 -14.43 -13.00 -0.11
N LEU A 262 -13.39 -12.34 0.41
CA LEU A 262 -12.14 -13.05 0.78
C LEU A 262 -12.23 -14.11 1.88
N PRO A 263 -12.96 -13.83 2.96
CA PRO A 263 -13.13 -14.86 3.97
C PRO A 263 -13.75 -16.15 3.41
N GLU A 264 -14.69 -16.02 2.47
CA GLU A 264 -15.25 -17.17 1.74
C GLU A 264 -14.21 -17.76 0.82
N ALA A 265 -13.59 -16.88 0.04
CA ALA A 265 -12.68 -17.27 -1.01
C ALA A 265 -11.41 -17.95 -0.51
N LEU A 266 -10.96 -17.59 0.69
CA LEU A 266 -9.77 -18.19 1.35
C LEU A 266 -10.03 -19.08 2.57
N ALA A 267 -11.29 -19.45 2.81
CA ALA A 267 -11.60 -20.43 3.86
C ALA A 267 -10.88 -21.75 3.58
N THR B 1 14.13 0.86 -17.62
CA THR B 1 13.07 0.11 -18.39
C THR B 1 11.79 -0.15 -17.53
N ILE B 2 11.93 -0.68 -16.31
CA ILE B 2 10.87 -0.46 -15.28
C ILE B 2 10.87 1.06 -15.09
N MET B 3 9.67 1.63 -14.92
N MET B 3 9.68 1.60 -14.85
CA MET B 3 9.47 3.09 -14.91
CA MET B 3 9.45 3.03 -14.80
C MET B 3 9.28 3.53 -13.44
C MET B 3 9.36 3.51 -13.36
N PRO B 4 9.53 4.81 -13.14
CA PRO B 4 9.22 5.33 -11.79
C PRO B 4 7.73 5.35 -11.50
N ASP B 6 4.09 6.04 -11.03
CA ASP B 6 3.26 6.84 -11.96
C ASP B 6 1.79 6.46 -11.81
N ILE B 7 0.89 7.42 -12.04
CA ILE B 7 -0.54 7.14 -12.27
C ILE B 7 -0.95 7.31 -13.73
N GLN B 8 -1.33 6.19 -14.35
CA GLN B 8 -1.96 6.15 -15.69
C GLN B 8 -3.44 5.85 -15.55
#